data_6G6K
#
_entry.id   6G6K
#
_cell.length_a   30.399
_cell.length_b   52.310
_cell.length_c   73.089
_cell.angle_alpha   93.89
_cell.angle_beta   101.92
_cell.angle_gamma   106.79
#
_symmetry.space_group_name_H-M   'P 1'
#
loop_
_entity.id
_entity.type
_entity.pdbx_description
1 polymer 'Myc proto-oncogene protein'
2 polymer 'Protein max'
3 non-polymer 'CHLORIDE ION'
4 water water
#
loop_
_entity_poly.entity_id
_entity_poly.type
_entity_poly.pdbx_seq_one_letter_code
_entity_poly.pdbx_strand_id
1 'polypeptide(L)'
;MHHHHHHEENVKRRTHNVLERQRRNELKRSFFALRDQIPELENNEKAPKVVILKKATAYILSVQAEEQKLISEEDLLRKR
REQLKHKLEQLRNS
;
A,C
2 'polypeptide(L)'
;MADKRAHHNALERKRRDHIKDSFHSLRDSVPSLQGEKASRAQILDKATEYIQYMRRKNHTHQQDIDDLKRQNALLEQQVR
ALE
;
B,D
#
loop_
_chem_comp.id
_chem_comp.type
_chem_comp.name
_chem_comp.formula
CL non-polymer 'CHLORIDE ION' 'Cl -1'
#
# COMPACT_ATOMS: atom_id res chain seq x y z
N HIS A 6 -10.57 -29.93 -32.41
CA HIS A 6 -9.63 -29.46 -31.40
C HIS A 6 -8.69 -28.39 -31.96
N HIS A 7 -8.54 -28.37 -33.29
CA HIS A 7 -7.76 -27.28 -33.89
C HIS A 7 -8.49 -25.96 -33.75
N GLU A 8 -9.82 -25.97 -33.86
CA GLU A 8 -10.57 -24.72 -33.66
C GLU A 8 -10.44 -24.23 -32.23
N GLU A 9 -10.46 -25.15 -31.26
CA GLU A 9 -10.25 -24.72 -29.87
C GLU A 9 -8.85 -24.16 -29.66
N ASN A 10 -7.85 -24.71 -30.34
CA ASN A 10 -6.49 -24.20 -30.21
C ASN A 10 -6.36 -22.81 -30.85
N VAL A 11 -6.95 -22.62 -32.02
CA VAL A 11 -6.91 -21.31 -32.66
C VAL A 11 -7.64 -20.28 -31.81
N LYS A 12 -8.81 -20.66 -31.28
CA LYS A 12 -9.57 -19.76 -30.42
C LYS A 12 -8.79 -19.40 -29.16
N ARG A 13 -8.14 -20.38 -28.53
CA ARG A 13 -7.41 -20.13 -27.29
C ARG A 13 -6.25 -19.17 -27.53
N ARG A 14 -5.48 -19.40 -28.60
CA ARG A 14 -4.36 -18.52 -28.90
C ARG A 14 -4.83 -17.12 -29.26
N THR A 15 -5.93 -17.02 -30.01
CA THR A 15 -6.47 -15.70 -30.35
C THR A 15 -6.91 -14.96 -29.10
N HIS A 16 -7.63 -15.63 -28.21
CA HIS A 16 -8.05 -14.96 -26.98
C HIS A 16 -6.85 -14.58 -26.12
N ASN A 17 -5.79 -15.40 -26.12
CA ASN A 17 -4.60 -15.07 -25.34
C ASN A 17 -3.97 -13.77 -25.82
N VAL A 18 -3.92 -13.56 -27.14
CA VAL A 18 -3.35 -12.32 -27.66
C VAL A 18 -4.24 -11.14 -27.27
N LEU A 19 -5.56 -11.29 -27.45
CA LEU A 19 -6.48 -10.20 -27.13
C LEU A 19 -6.39 -9.84 -25.66
N GLU A 20 -6.30 -10.84 -24.79
CA GLU A 20 -6.23 -10.56 -23.36
C GLU A 20 -4.93 -9.86 -23.00
N ARG A 21 -3.82 -10.25 -23.63
CA ARG A 21 -2.56 -9.57 -23.36
C ARG A 21 -2.64 -8.11 -23.81
N GLN A 22 -3.23 -7.85 -24.97
CA GLN A 22 -3.37 -6.48 -25.45
C GLN A 22 -4.21 -5.66 -24.49
N ARG A 23 -5.29 -6.24 -23.97
CA ARG A 23 -6.11 -5.49 -23.02
C ARG A 23 -5.38 -5.24 -21.73
N ARG A 24 -4.61 -6.23 -21.24
CA ARG A 24 -3.85 -6.02 -20.01
C ARG A 24 -2.82 -4.92 -20.19
N ASN A 25 -2.19 -4.87 -21.37
CA ASN A 25 -1.16 -3.85 -21.61
C ASN A 25 -1.79 -2.47 -21.68
N GLU A 26 -2.96 -2.35 -22.31
CA GLU A 26 -3.65 -1.07 -22.34
C GLU A 26 -4.03 -0.65 -20.93
N LEU A 27 -4.54 -1.59 -20.12
CA LEU A 27 -4.93 -1.24 -18.76
C LEU A 27 -3.71 -0.82 -17.94
N LYS A 28 -2.57 -1.50 -18.14
CA LYS A 28 -1.37 -1.11 -17.40
CA LYS A 28 -1.36 -1.13 -17.42
C LYS A 28 -0.95 0.31 -17.76
N ARG A 29 -1.02 0.68 -19.04
CA ARG A 29 -0.69 2.05 -19.42
C ARG A 29 -1.62 3.04 -18.75
N SER A 30 -2.91 2.70 -18.65
CA SER A 30 -3.85 3.57 -17.94
C SER A 30 -3.49 3.69 -16.46
N PHE A 31 -3.15 2.57 -15.81
CA PHE A 31 -2.73 2.65 -14.41
C PHE A 31 -1.50 3.53 -14.25
N PHE A 32 -0.52 3.39 -15.16
CA PHE A 32 0.71 4.15 -15.03
C PHE A 32 0.48 5.63 -15.26
N ALA A 33 -0.44 5.98 -16.15
CA ALA A 33 -0.73 7.40 -16.36
C ALA A 33 -1.35 8.01 -15.11
N LEU A 34 -2.24 7.28 -14.44
CA LEU A 34 -2.81 7.77 -13.20
C LEU A 34 -1.76 7.85 -12.10
N ARG A 35 -0.97 6.79 -11.97
CA ARG A 35 0.11 6.77 -11.00
C ARG A 35 1.00 7.99 -11.15
N ASP A 36 1.25 8.39 -12.39
CA ASP A 36 2.18 9.48 -12.64
C ASP A 36 1.58 10.86 -12.38
N GLN A 37 0.30 10.96 -12.07
CA GLN A 37 -0.30 12.19 -11.57
C GLN A 37 -0.23 12.31 -10.06
N ILE A 38 0.28 11.29 -9.37
CA ILE A 38 0.37 11.27 -7.90
C ILE A 38 1.84 11.40 -7.54
N PRO A 39 2.29 12.56 -7.05
CA PRO A 39 3.74 12.76 -6.86
C PRO A 39 4.43 11.65 -6.08
N GLU A 40 3.79 11.14 -5.03
CA GLU A 40 4.39 10.09 -4.20
C GLU A 40 4.64 8.80 -4.97
N LEU A 41 3.91 8.57 -6.06
CA LEU A 41 4.03 7.31 -6.80
C LEU A 41 4.70 7.47 -8.16
N GLU A 42 5.04 8.70 -8.57
CA GLU A 42 5.46 8.92 -9.94
C GLU A 42 6.63 8.02 -10.31
N ASN A 43 6.51 7.34 -11.46
CA ASN A 43 7.55 6.46 -12.00
C ASN A 43 7.93 5.30 -11.08
N ASN A 44 7.09 4.96 -10.11
CA ASN A 44 7.33 3.78 -9.28
C ASN A 44 6.75 2.58 -10.01
N GLU A 45 7.61 1.82 -10.69
CA GLU A 45 7.13 0.72 -11.51
C GLU A 45 6.65 -0.48 -10.72
N LYS A 46 6.86 -0.50 -9.40
CA LYS A 46 6.32 -1.54 -8.55
C LYS A 46 5.09 -1.10 -7.78
N ALA A 47 4.52 0.05 -8.11
CA ALA A 47 3.33 0.50 -7.39
C ALA A 47 2.16 -0.44 -7.70
N PRO A 48 1.55 -1.06 -6.70
CA PRO A 48 0.44 -1.98 -6.98
C PRO A 48 -0.82 -1.24 -7.42
N LYS A 49 -1.67 -1.96 -8.17
CA LYS A 49 -2.93 -1.39 -8.62
C LYS A 49 -3.73 -0.80 -7.47
N VAL A 50 -3.86 -1.55 -6.37
CA VAL A 50 -4.73 -1.10 -5.29
C VAL A 50 -4.18 0.17 -4.66
N VAL A 51 -2.85 0.29 -4.61
CA VAL A 51 -2.23 1.49 -4.06
C VAL A 51 -2.46 2.68 -4.98
N ILE A 52 -2.30 2.49 -6.30
CA ILE A 52 -2.59 3.58 -7.23
C ILE A 52 -4.02 4.07 -7.06
N LEU A 53 -4.97 3.13 -6.99
CA LEU A 53 -6.37 3.51 -6.89
C LEU A 53 -6.65 4.27 -5.59
N LYS A 54 -6.18 3.73 -4.46
CA LYS A 54 -6.48 4.34 -3.18
C LYS A 54 -5.76 5.68 -3.02
N LYS A 55 -4.49 5.75 -3.47
CA LYS A 55 -3.80 7.04 -3.37
C LYS A 55 -4.41 8.06 -4.32
N ALA A 56 -4.95 7.63 -5.47
CA ALA A 56 -5.61 8.60 -6.35
C ALA A 56 -6.85 9.20 -5.70
N THR A 57 -7.66 8.37 -5.04
CA THR A 57 -8.85 8.86 -4.35
C THR A 57 -8.46 9.84 -3.25
N ALA A 58 -7.44 9.48 -2.47
CA ALA A 58 -6.99 10.37 -1.40
C ALA A 58 -6.44 11.68 -1.97
N TYR A 59 -5.72 11.60 -3.09
CA TYR A 59 -5.13 12.79 -3.67
C TYR A 59 -6.22 13.70 -4.21
N ILE A 60 -7.28 13.13 -4.79
CA ILE A 60 -8.41 13.94 -5.24
C ILE A 60 -9.01 14.69 -4.07
N LEU A 61 -9.21 14.02 -2.93
CA LEU A 61 -9.72 14.71 -1.76
C LEU A 61 -8.78 15.82 -1.34
N SER A 62 -7.47 15.59 -1.40
CA SER A 62 -6.51 16.60 -0.97
C SER A 62 -6.53 17.81 -1.90
N VAL A 63 -6.57 17.57 -3.22
CA VAL A 63 -6.56 18.68 -4.17
CA VAL A 63 -6.55 18.69 -4.16
C VAL A 63 -7.85 19.48 -4.10
N GLN A 64 -8.97 18.81 -3.81
CA GLN A 64 -10.24 19.51 -3.62
C GLN A 64 -10.19 20.35 -2.36
N ALA A 65 -9.63 19.83 -1.27
CA ALA A 65 -9.51 20.62 -0.04
C ALA A 65 -8.61 21.82 -0.27
N GLU A 66 -7.53 21.63 -1.03
CA GLU A 66 -6.64 22.74 -1.37
C GLU A 66 -7.39 23.79 -2.17
N GLU A 67 -8.21 23.37 -3.14
CA GLU A 67 -9.00 24.34 -3.89
C GLU A 67 -9.91 25.14 -2.99
N GLN A 68 -10.58 24.50 -2.04
CA GLN A 68 -11.47 25.22 -1.13
C GLN A 68 -10.69 26.24 -0.31
N LYS A 69 -9.49 25.86 0.13
CA LYS A 69 -8.62 26.78 0.86
C LYS A 69 -8.28 27.99 0.01
N LEU A 70 -7.94 27.77 -1.26
CA LEU A 70 -7.59 28.87 -2.15
C LEU A 70 -8.81 29.73 -2.47
N ILE A 71 -9.98 29.11 -2.66
CA ILE A 71 -11.19 29.89 -2.91
C ILE A 71 -11.50 30.80 -1.72
N SER A 72 -11.37 30.26 -0.51
CA SER A 72 -11.61 31.08 0.69
C SER A 72 -10.63 32.24 0.77
N GLU A 73 -9.36 31.99 0.48
CA GLU A 73 -8.37 33.06 0.53
C GLU A 73 -8.69 34.15 -0.48
N GLU A 74 -9.07 33.77 -1.69
CA GLU A 74 -9.36 34.74 -2.72
C GLU A 74 -10.62 35.53 -2.42
N ASP A 75 -11.64 34.86 -1.87
CA ASP A 75 -12.86 35.58 -1.48
C ASP A 75 -12.55 36.66 -0.47
N LEU A 76 -11.74 36.35 0.55
CA LEU A 76 -11.41 37.37 1.54
C LEU A 76 -10.62 38.51 0.92
N LEU A 77 -9.71 38.19 0.00
CA LEU A 77 -8.92 39.21 -0.68
C LEU A 77 -9.81 40.11 -1.54
N ARG A 78 -10.83 39.53 -2.17
CA ARG A 78 -11.74 40.33 -3.01
C ARG A 78 -12.59 41.24 -2.15
N LYS A 79 -13.11 40.74 -1.03
CA LYS A 79 -13.85 41.58 -0.11
C LYS A 79 -12.97 42.72 0.39
N ARG A 80 -11.71 42.42 0.66
CA ARG A 80 -10.79 43.46 1.13
C ARG A 80 -10.53 44.49 0.05
N ARG A 81 -10.42 44.05 -1.20
CA ARG A 81 -10.19 44.97 -2.31
C ARG A 81 -11.36 45.93 -2.47
N GLU A 82 -12.59 45.41 -2.38
CA GLU A 82 -13.77 46.26 -2.49
C GLU A 82 -13.81 47.26 -1.34
N GLN A 83 -13.43 46.82 -0.14
CA GLN A 83 -13.40 47.70 1.03
C GLN A 83 -12.38 48.82 0.84
N LEU A 84 -11.22 48.49 0.28
CA LEU A 84 -10.18 49.48 0.04
C LEU A 84 -10.59 50.47 -1.07
N LYS A 85 -11.15 49.96 -2.17
CA LYS A 85 -11.64 50.84 -3.22
C LYS A 85 -12.71 51.78 -2.69
N HIS A 86 -13.60 51.28 -1.84
N HIS A 86 -13.58 51.30 -1.82
CA HIS A 86 -14.63 52.13 -1.24
CA HIS A 86 -14.63 52.13 -1.25
C HIS A 86 -14.00 53.21 -0.38
C HIS A 86 -14.04 53.19 -0.32
N LYS A 87 -13.04 52.83 0.46
CA LYS A 87 -12.39 53.80 1.34
C LYS A 87 -11.68 54.88 0.54
N LEU A 88 -11.00 54.49 -0.53
CA LEU A 88 -10.31 55.45 -1.38
C LEU A 88 -11.29 56.41 -2.05
N GLU A 89 -12.43 55.89 -2.50
CA GLU A 89 -13.44 56.76 -3.10
C GLU A 89 -14.04 57.72 -2.08
N GLN A 90 -14.30 57.25 -0.87
CA GLN A 90 -14.79 58.15 0.18
C GLN A 90 -13.78 59.24 0.47
N LEU A 91 -12.51 58.90 0.52
CA LEU A 91 -11.47 59.87 0.86
C LEU A 91 -11.30 60.91 -0.23
N ARG A 92 -11.24 60.47 -1.49
CA ARG A 92 -11.02 61.38 -2.61
C ARG A 92 -12.22 62.30 -2.84
N ASN A 93 -13.42 61.91 -2.39
CA ASN A 93 -14.62 62.69 -2.61
C ASN A 93 -15.05 63.44 -1.36
N SER A 94 -14.18 63.55 -0.38
CA SER A 94 -14.49 64.32 0.81
C SER A 94 -14.01 65.76 0.65
N ALA B 6 -7.32 -23.38 0.22
CA ALA B 6 -8.46 -22.60 0.70
C ALA B 6 -7.99 -21.24 1.19
N HIS B 7 -6.95 -21.23 2.02
CA HIS B 7 -6.39 -19.97 2.50
C HIS B 7 -5.92 -19.11 1.34
N HIS B 8 -5.35 -19.73 0.31
CA HIS B 8 -4.84 -18.96 -0.83
C HIS B 8 -5.96 -18.42 -1.69
N ASN B 9 -7.01 -19.22 -1.94
CA ASN B 9 -8.17 -18.69 -2.66
C ASN B 9 -8.82 -17.56 -1.89
N ALA B 10 -8.87 -17.66 -0.56
CA ALA B 10 -9.45 -16.60 0.25
C ALA B 10 -8.64 -15.31 0.12
N LEU B 11 -7.31 -15.42 0.13
CA LEU B 11 -6.48 -14.25 -0.08
C LEU B 11 -6.73 -13.63 -1.43
N GLU B 12 -6.88 -14.47 -2.47
CA GLU B 12 -7.06 -13.96 -3.83
C GLU B 12 -8.41 -13.26 -4.01
N ARG B 13 -9.47 -13.81 -3.42
CA ARG B 13 -10.77 -13.15 -3.54
C ARG B 13 -10.80 -11.83 -2.80
N LYS B 14 -10.16 -11.77 -1.63
CA LYS B 14 -10.07 -10.49 -0.92
C LYS B 14 -9.31 -9.47 -1.74
N ARG B 15 -8.23 -9.90 -2.37
CA ARG B 15 -7.46 -9.01 -3.24
C ARG B 15 -8.34 -8.42 -4.34
N ARG B 16 -9.12 -9.27 -5.00
CA ARG B 16 -9.98 -8.79 -6.08
C ARG B 16 -11.06 -7.86 -5.56
N ASP B 17 -11.65 -8.19 -4.40
CA ASP B 17 -12.70 -7.34 -3.84
C ASP B 17 -12.16 -5.99 -3.43
N HIS B 18 -10.95 -5.95 -2.87
CA HIS B 18 -10.40 -4.65 -2.48
C HIS B 18 -10.14 -3.77 -3.69
N ILE B 19 -9.72 -4.36 -4.81
CA ILE B 19 -9.55 -3.58 -6.04
C ILE B 19 -10.89 -3.06 -6.54
N LYS B 20 -11.92 -3.91 -6.53
CA LYS B 20 -13.27 -3.48 -6.92
C LYS B 20 -13.73 -2.30 -6.05
N ASP B 21 -13.59 -2.44 -4.74
CA ASP B 21 -14.00 -1.37 -3.84
C ASP B 21 -13.28 -0.08 -4.17
N SER B 22 -11.98 -0.20 -4.47
CA SER B 22 -11.16 0.98 -4.71
C SER B 22 -11.50 1.64 -6.05
N PHE B 23 -11.85 0.84 -7.08
CA PHE B 23 -12.35 1.43 -8.31
C PHE B 23 -13.64 2.20 -8.07
N HIS B 24 -14.57 1.64 -7.27
CA HIS B 24 -15.82 2.34 -7.00
C HIS B 24 -15.56 3.66 -6.29
N SER B 25 -14.69 3.64 -5.27
CA SER B 25 -14.39 4.87 -4.54
C SER B 25 -13.76 5.92 -5.45
N LEU B 26 -12.85 5.49 -6.32
CA LEU B 26 -12.23 6.45 -7.24
C LEU B 26 -13.25 7.01 -8.22
N ARG B 27 -14.05 6.14 -8.84
CA ARG B 27 -15.08 6.60 -9.76
C ARG B 27 -16.01 7.61 -9.09
N ASP B 28 -16.41 7.33 -7.85
CA ASP B 28 -17.33 8.21 -7.13
C ASP B 28 -16.69 9.53 -6.76
N SER B 29 -15.37 9.65 -6.88
CA SER B 29 -14.64 10.87 -6.58
C SER B 29 -14.46 11.77 -7.80
N VAL B 30 -14.73 11.28 -9.00
CA VAL B 30 -14.44 12.02 -10.23
C VAL B 30 -15.74 12.63 -10.74
N PRO B 31 -15.84 13.96 -10.83
CA PRO B 31 -17.12 14.58 -11.25
C PRO B 31 -17.65 14.07 -12.58
N SER B 32 -16.77 13.93 -13.58
CA SER B 32 -17.21 13.50 -14.90
C SER B 32 -17.78 12.09 -14.91
N LEU B 33 -17.55 11.31 -13.85
CA LEU B 33 -18.05 9.94 -13.76
C LEU B 33 -19.12 9.78 -12.70
N GLN B 34 -19.28 10.76 -11.81
CA GLN B 34 -20.22 10.66 -10.70
C GLN B 34 -21.62 10.40 -11.22
N GLY B 35 -22.09 9.16 -11.06
CA GLY B 35 -23.40 8.77 -11.50
C GLY B 35 -23.49 8.08 -12.84
N GLU B 36 -22.36 7.68 -13.43
CA GLU B 36 -22.36 7.11 -14.77
C GLU B 36 -21.74 5.71 -14.78
N LYS B 37 -21.89 5.05 -15.93
CA LYS B 37 -21.35 3.72 -16.15
C LYS B 37 -19.99 3.83 -16.80
N ALA B 38 -19.00 3.18 -16.21
CA ALA B 38 -17.61 3.38 -16.64
C ALA B 38 -16.85 2.08 -16.49
N SER B 39 -16.09 1.72 -17.52
CA SER B 39 -15.17 0.60 -17.43
C SER B 39 -13.97 1.00 -16.56
N ARG B 40 -13.16 -0.01 -16.22
CA ARG B 40 -11.95 0.25 -15.44
C ARG B 40 -11.04 1.23 -16.18
N ALA B 41 -10.85 1.03 -17.48
CA ALA B 41 -10.02 1.94 -18.26
C ALA B 41 -10.60 3.35 -18.24
N GLN B 42 -11.93 3.47 -18.34
CA GLN B 42 -12.53 4.80 -18.33
C GLN B 42 -12.36 5.49 -16.97
N ILE B 43 -12.48 4.72 -15.89
CA ILE B 43 -12.31 5.31 -14.56
C ILE B 43 -10.88 5.83 -14.42
N LEU B 44 -9.91 5.00 -14.79
CA LEU B 44 -8.51 5.43 -14.69
C LEU B 44 -8.25 6.65 -15.53
N ASP B 45 -8.70 6.63 -16.79
CA ASP B 45 -8.35 7.72 -17.70
C ASP B 45 -9.04 9.03 -17.28
N LYS B 46 -10.30 8.94 -16.85
CA LYS B 46 -10.99 10.15 -16.40
C LYS B 46 -10.42 10.67 -15.08
N ALA B 47 -9.96 9.79 -14.20
CA ALA B 47 -9.33 10.27 -12.98
C ALA B 47 -8.01 10.97 -13.28
N THR B 48 -7.23 10.42 -14.22
CA THR B 48 -5.98 11.05 -14.62
C THR B 48 -6.22 12.45 -15.13
N GLU B 49 -7.20 12.58 -16.04
CA GLU B 49 -7.52 13.89 -16.61
C GLU B 49 -7.97 14.86 -15.52
N TYR B 50 -8.78 14.38 -14.58
CA TYR B 50 -9.30 15.23 -13.52
C TYR B 50 -8.20 15.72 -12.59
N ILE B 51 -7.29 14.83 -12.18
CA ILE B 51 -6.21 15.26 -11.30
C ILE B 51 -5.30 16.25 -11.99
N GLN B 52 -4.94 15.97 -13.24
CA GLN B 52 -4.13 16.90 -14.02
C GLN B 52 -4.80 18.27 -14.09
N TYR B 53 -6.10 18.28 -14.37
CA TYR B 53 -6.85 19.53 -14.46
C TYR B 53 -6.85 20.25 -13.13
N MET B 54 -7.11 19.54 -12.03
CA MET B 54 -7.23 20.20 -10.73
C MET B 54 -5.90 20.75 -10.25
N ARG B 55 -4.80 20.04 -10.53
CA ARG B 55 -3.50 20.54 -10.15
C ARG B 55 -3.20 21.86 -10.86
N ARG B 56 -3.51 21.94 -12.17
CA ARG B 56 -3.32 23.18 -12.90
C ARG B 56 -4.31 24.25 -12.43
N LYS B 57 -5.55 23.86 -12.13
CA LYS B 57 -6.54 24.83 -11.68
C LYS B 57 -6.12 25.50 -10.39
N ASN B 58 -5.52 24.74 -9.46
CA ASN B 58 -5.07 25.36 -8.23
C ASN B 58 -3.92 26.34 -8.47
N HIS B 59 -3.10 26.08 -9.49
CA HIS B 59 -2.12 27.07 -9.91
CA HIS B 59 -2.12 27.07 -9.90
C HIS B 59 -2.80 28.34 -10.42
N THR B 60 -3.84 28.18 -11.22
CA THR B 60 -4.60 29.34 -11.70
C THR B 60 -5.16 30.13 -10.52
N HIS B 61 -5.70 29.43 -9.51
CA HIS B 61 -6.22 30.14 -8.34
C HIS B 61 -5.12 30.91 -7.64
N GLN B 62 -3.94 30.30 -7.47
CA GLN B 62 -2.86 30.97 -6.75
C GLN B 62 -2.38 32.20 -7.52
N GLN B 63 -2.36 32.12 -8.85
CA GLN B 63 -2.04 33.30 -9.64
C GLN B 63 -3.02 34.43 -9.38
N ASP B 64 -4.32 34.10 -9.31
CA ASP B 64 -5.30 35.15 -9.02
C ASP B 64 -5.12 35.70 -7.62
N ILE B 65 -4.81 34.85 -6.65
CA ILE B 65 -4.55 35.30 -5.28
C ILE B 65 -3.36 36.23 -5.24
N ASP B 66 -2.30 35.91 -5.97
CA ASP B 66 -1.11 36.75 -5.99
C ASP B 66 -1.40 38.09 -6.65
N ASP B 67 -2.22 38.08 -7.70
CA ASP B 67 -2.62 39.34 -8.32
C ASP B 67 -3.42 40.18 -7.33
N LEU B 68 -4.33 39.58 -6.58
CA LEU B 68 -5.16 40.35 -5.67
C LEU B 68 -4.37 40.90 -4.48
N LYS B 69 -3.41 40.13 -3.96
CA LYS B 69 -2.60 40.62 -2.85
C LYS B 69 -1.81 41.85 -3.27
N ARG B 70 -1.28 41.84 -4.49
CA ARG B 70 -0.61 43.01 -5.03
C ARG B 70 -1.58 44.17 -5.18
N GLN B 71 -2.80 43.91 -5.65
CA GLN B 71 -3.78 44.98 -5.81
C GLN B 71 -4.13 45.63 -4.48
N ASN B 72 -4.32 44.83 -3.42
CA ASN B 72 -4.72 45.40 -2.14
C ASN B 72 -3.59 46.15 -1.46
N ALA B 73 -2.35 45.68 -1.59
CA ALA B 73 -1.22 46.43 -1.05
C ALA B 73 -1.13 47.80 -1.69
N LEU B 74 -1.32 47.85 -3.02
CA LEU B 74 -1.29 49.13 -3.72
C LEU B 74 -2.39 50.07 -3.22
N LEU B 75 -3.60 49.53 -3.01
CA LEU B 75 -4.69 50.38 -2.53
C LEU B 75 -4.43 50.85 -1.10
N GLU B 76 -3.85 49.99 -0.26
CA GLU B 76 -3.49 50.44 1.09
C GLU B 76 -2.49 51.57 1.04
N GLN B 77 -1.55 51.51 0.09
CA GLN B 77 -0.57 52.58 -0.06
C GLN B 77 -1.24 53.88 -0.50
N GLN B 78 -2.28 53.79 -1.33
CA GLN B 78 -2.97 55.00 -1.76
C GLN B 78 -3.86 55.56 -0.65
N VAL B 79 -4.38 54.73 0.24
CA VAL B 79 -5.09 55.24 1.40
C VAL B 79 -4.13 55.92 2.37
N ARG B 80 -2.96 55.32 2.58
CA ARG B 80 -1.96 55.90 3.46
C ARG B 80 -1.48 57.26 2.97
N ALA B 81 -1.42 57.43 1.65
CA ALA B 81 -0.94 58.67 1.06
C ALA B 81 -2.03 59.74 1.09
N HIS C 7 -21.06 16.28 36.02
CA HIS C 7 -19.67 16.12 36.43
C HIS C 7 -19.24 14.66 36.38
N GLU C 8 -20.18 13.76 36.72
CA GLU C 8 -19.89 12.33 36.66
C GLU C 8 -19.64 11.89 35.23
N GLU C 9 -20.49 12.32 34.31
CA GLU C 9 -20.27 12.04 32.89
C GLU C 9 -18.95 12.65 32.40
N ASN C 10 -18.55 13.79 32.97
CA ASN C 10 -17.28 14.40 32.57
C ASN C 10 -16.09 13.58 33.06
N VAL C 11 -16.15 13.11 34.32
CA VAL C 11 -15.07 12.28 34.85
C VAL C 11 -14.97 10.98 34.05
N LYS C 12 -16.12 10.39 33.74
CA LYS C 12 -16.13 9.15 32.97
C LYS C 12 -15.54 9.37 31.58
N ARG C 13 -15.91 10.46 30.90
CA ARG C 13 -15.40 10.72 29.56
C ARG C 13 -13.88 10.90 29.57
N ARG C 14 -13.37 11.69 30.50
CA ARG C 14 -11.94 11.94 30.57
C ARG C 14 -11.17 10.67 30.91
N THR C 15 -11.72 9.84 31.79
CA THR C 15 -11.08 8.57 32.12
C THR C 15 -11.04 7.66 30.91
N HIS C 16 -12.16 7.52 30.20
CA HIS C 16 -12.15 6.69 28.99
C HIS C 16 -11.21 7.24 27.94
N ASN C 17 -11.08 8.57 27.85
CA ASN C 17 -10.16 9.16 26.88
C ASN C 17 -8.72 8.74 27.15
N VAL C 18 -8.32 8.70 28.43
CA VAL C 18 -6.96 8.30 28.76
C VAL C 18 -6.75 6.83 28.46
N LEU C 19 -7.70 5.98 28.85
CA LEU C 19 -7.59 4.55 28.59
C LEU C 19 -7.53 4.27 27.09
N GLU C 20 -8.32 4.99 26.30
CA GLU C 20 -8.34 4.76 24.87
C GLU C 20 -7.02 5.16 24.23
N ARG C 21 -6.42 6.26 24.71
CA ARG C 21 -5.11 6.66 24.20
C ARG C 21 -4.05 5.62 24.56
N GLN C 22 -4.10 5.10 25.80
CA GLN C 22 -3.13 4.09 26.20
C GLN C 22 -3.23 2.87 25.31
N ARG C 23 -4.46 2.43 25.00
CA ARG C 23 -4.60 1.26 24.15
CA ARG C 23 -4.65 1.28 24.14
C ARG C 23 -4.14 1.55 22.73
N ARG C 24 -4.40 2.75 22.21
CA ARG C 24 -3.94 3.07 20.87
C ARG C 24 -2.41 3.09 20.81
N ASN C 25 -1.77 3.61 21.86
CA ASN C 25 -0.31 3.65 21.88
C ASN C 25 0.27 2.24 21.94
N GLU C 26 -0.35 1.35 22.73
CA GLU C 26 0.10 -0.03 22.78
C GLU C 26 -0.05 -0.69 21.43
N LEU C 27 -1.18 -0.45 20.76
CA LEU C 27 -1.41 -1.05 19.45
C LEU C 27 -0.42 -0.52 18.43
N LYS C 28 -0.09 0.77 18.50
CA LYS C 28 0.91 1.34 17.59
C LYS C 28 2.26 0.67 17.76
N ARG C 29 2.69 0.46 19.01
CA ARG C 29 3.96 -0.22 19.23
C ARG C 29 3.93 -1.63 18.65
N SER C 30 2.79 -2.32 18.78
CA SER C 30 2.67 -3.65 18.18
C SER C 30 2.76 -3.58 16.66
N PHE C 31 2.08 -2.59 16.05
CA PHE C 31 2.19 -2.45 14.59
C PHE C 31 3.63 -2.18 14.17
N PHE C 32 4.34 -1.33 14.92
CA PHE C 32 5.69 -0.97 14.53
C PHE C 32 6.66 -2.13 14.70
N ALA C 33 6.43 -2.99 15.71
CA ALA C 33 7.30 -4.14 15.85
C ALA C 33 7.12 -5.11 14.68
N LEU C 34 5.88 -5.27 14.21
CA LEU C 34 5.64 -6.12 13.05
C LEU C 34 6.26 -5.49 11.79
N ARG C 35 6.00 -4.19 11.59
CA ARG C 35 6.58 -3.44 10.49
C ARG C 35 8.07 -3.67 10.40
N ASP C 36 8.73 -3.68 11.55
CA ASP C 36 10.18 -3.74 11.57
C ASP C 36 10.74 -5.14 11.32
N GLN C 37 9.88 -6.15 11.23
CA GLN C 37 10.28 -7.46 10.74
C GLN C 37 10.18 -7.59 9.23
N ILE C 38 9.67 -6.58 8.54
CA ILE C 38 9.48 -6.60 7.09
C ILE C 38 10.52 -5.65 6.49
N PRO C 39 11.57 -6.16 5.84
CA PRO C 39 12.65 -5.28 5.39
C PRO C 39 12.21 -4.07 4.61
N GLU C 40 11.22 -4.24 3.71
CA GLU C 40 10.75 -3.14 2.86
C GLU C 40 10.13 -2.01 3.67
N LEU C 41 9.61 -2.30 4.86
CA LEU C 41 8.91 -1.30 5.67
C LEU C 41 9.70 -0.86 6.88
N GLU C 42 10.87 -1.43 7.14
CA GLU C 42 11.56 -1.19 8.41
C GLU C 42 11.76 0.30 8.67
N ASN C 43 11.36 0.74 9.87
CA ASN C 43 11.52 2.13 10.29
C ASN C 43 10.79 3.13 9.42
N ASN C 44 9.81 2.71 8.62
CA ASN C 44 9.01 3.65 7.84
C ASN C 44 7.88 4.14 8.74
N GLU C 45 8.05 5.34 9.31
CA GLU C 45 7.10 5.88 10.26
C GLU C 45 5.74 6.18 9.64
N LYS C 46 5.66 6.28 8.31
CA LYS C 46 4.40 6.56 7.64
C LYS C 46 3.74 5.32 7.06
N ALA C 47 4.25 4.12 7.38
CA ALA C 47 3.63 2.92 6.84
C ALA C 47 2.22 2.75 7.41
N PRO C 48 1.19 2.68 6.57
CA PRO C 48 -0.18 2.53 7.09
C PRO C 48 -0.41 1.15 7.67
N LYS C 49 -1.39 1.08 8.58
CA LYS C 49 -1.74 -0.20 9.19
C LYS C 49 -2.04 -1.27 8.14
N VAL C 50 -2.86 -0.91 7.14
CA VAL C 50 -3.30 -1.94 6.19
C VAL C 50 -2.12 -2.45 5.37
N VAL C 51 -1.13 -1.58 5.13
CA VAL C 51 0.06 -1.99 4.39
C VAL C 51 0.93 -2.92 5.25
N ILE C 52 1.08 -2.59 6.53
CA ILE C 52 1.83 -3.47 7.42
C ILE C 52 1.18 -4.85 7.45
N LEU C 53 -0.14 -4.89 7.57
CA LEU C 53 -0.85 -6.18 7.68
C LEU C 53 -0.69 -6.98 6.39
N LYS C 54 -0.94 -6.36 5.24
CA LYS C 54 -0.88 -7.08 3.97
C LYS C 54 0.54 -7.49 3.63
N LYS C 55 1.53 -6.61 3.86
CA LYS C 55 2.89 -7.01 3.58
C LYS C 55 3.37 -8.09 4.54
N ALA C 56 2.89 -8.10 5.78
CA ALA C 56 3.29 -9.18 6.69
C ALA C 56 2.77 -10.53 6.20
N THR C 57 1.53 -10.58 5.73
CA THR C 57 0.97 -11.83 5.22
C THR C 57 1.76 -12.30 4.02
N ALA C 58 2.07 -11.38 3.10
CA ALA C 58 2.83 -11.74 1.91
C ALA C 58 4.24 -12.18 2.28
N TYR C 59 4.85 -11.52 3.28
CA TYR C 59 6.20 -11.87 3.69
C TYR C 59 6.21 -13.26 4.33
N ILE C 60 5.18 -13.59 5.11
CA ILE C 60 5.08 -14.94 5.68
C ILE C 60 5.03 -15.98 4.58
N LEU C 61 4.24 -15.74 3.54
CA LEU C 61 4.19 -16.68 2.41
C LEU C 61 5.56 -16.79 1.75
N SER C 62 6.28 -15.69 1.63
CA SER C 62 7.59 -15.71 0.98
CA SER C 62 7.58 -15.70 0.98
C SER C 62 8.61 -16.48 1.81
N VAL C 63 8.64 -16.25 3.12
CA VAL C 63 9.62 -16.97 3.94
CA VAL C 63 9.60 -16.96 3.96
C VAL C 63 9.26 -18.44 4.04
N GLN C 64 7.97 -18.79 3.97
CA GLN C 64 7.61 -20.20 3.94
C GLN C 64 8.03 -20.85 2.63
N ALA C 65 7.88 -20.14 1.52
CA ALA C 65 8.35 -20.68 0.24
C ALA C 65 9.85 -20.85 0.24
N GLU C 66 10.58 -19.89 0.80
CA GLU C 66 12.03 -20.02 0.96
C GLU C 66 12.38 -21.25 1.77
N GLU C 67 11.68 -21.48 2.89
CA GLU C 67 11.96 -22.64 3.70
C GLU C 67 11.79 -23.92 2.90
N GLN C 68 10.73 -24.00 2.09
CA GLN C 68 10.53 -25.19 1.27
C GLN C 68 11.65 -25.36 0.27
N LYS C 69 12.12 -24.26 -0.31
CA LYS C 69 13.26 -24.29 -1.23
C LYS C 69 14.48 -24.89 -0.53
N LEU C 70 14.76 -24.41 0.68
CA LEU C 70 15.94 -24.86 1.41
C LEU C 70 15.80 -26.30 1.87
N ILE C 71 14.58 -26.72 2.26
CA ILE C 71 14.39 -28.11 2.69
C ILE C 71 14.62 -29.05 1.52
N SER C 72 14.09 -28.72 0.35
CA SER C 72 14.33 -29.53 -0.84
C SER C 72 15.81 -29.63 -1.13
N GLU C 73 16.52 -28.50 -1.10
CA GLU C 73 17.96 -28.52 -1.37
C GLU C 73 18.70 -29.42 -0.39
N GLU C 74 18.38 -29.32 0.90
CA GLU C 74 19.03 -30.14 1.90
C GLU C 74 18.72 -31.61 1.71
N ASP C 75 17.46 -31.94 1.38
CA ASP C 75 17.09 -33.33 1.13
C ASP C 75 17.93 -33.92 0.01
N LEU C 76 18.10 -33.21 -1.10
CA LEU C 76 18.93 -33.75 -2.18
C LEU C 76 20.38 -33.87 -1.76
N LEU C 77 20.87 -32.95 -0.95
CA LEU C 77 22.25 -33.03 -0.48
C LEU C 77 22.45 -34.21 0.45
N ARG C 78 21.46 -34.52 1.28
CA ARG C 78 21.55 -35.66 2.17
C ARG C 78 21.54 -36.97 1.39
N LYS C 79 20.65 -37.09 0.41
CA LYS C 79 20.60 -38.29 -0.41
C LYS C 79 21.90 -38.46 -1.18
N ARG C 80 22.49 -37.36 -1.63
CA ARG C 80 23.78 -37.43 -2.30
C ARG C 80 24.88 -37.88 -1.36
N ARG C 81 24.82 -37.46 -0.09
CA ARG C 81 25.82 -37.84 0.90
C ARG C 81 25.75 -39.32 1.19
N GLU C 82 24.53 -39.85 1.36
CA GLU C 82 24.41 -41.28 1.61
C GLU C 82 24.86 -42.09 0.40
N GLN C 83 24.65 -41.57 -0.81
CA GLN C 83 25.07 -42.28 -2.02
C GLN C 83 26.58 -42.28 -2.14
N LEU C 84 27.23 -41.19 -1.73
CA LEU C 84 28.68 -41.10 -1.75
C LEU C 84 29.31 -41.99 -0.68
N LYS C 85 28.74 -41.99 0.52
CA LYS C 85 29.26 -42.86 1.58
C LYS C 85 29.13 -44.33 1.19
N HIS C 86 28.04 -44.69 0.52
N HIS C 86 28.02 -44.69 0.54
CA HIS C 86 27.87 -46.07 0.09
CA HIS C 86 27.85 -46.06 0.08
C HIS C 86 28.87 -46.43 -1.00
C HIS C 86 28.91 -46.41 -0.96
N LYS C 87 29.13 -45.51 -1.92
CA LYS C 87 30.12 -45.77 -2.97
C LYS C 87 31.51 -45.94 -2.36
N LEU C 88 31.85 -45.11 -1.38
CA LEU C 88 33.14 -45.18 -0.70
C LEU C 88 33.29 -46.51 0.05
N GLU C 89 32.23 -46.94 0.74
CA GLU C 89 32.27 -48.22 1.43
C GLU C 89 32.44 -49.37 0.46
N GLN C 90 31.72 -49.33 -0.66
CA GLN C 90 31.85 -50.41 -1.65
C GLN C 90 33.26 -50.47 -2.20
N LEU C 91 33.87 -49.31 -2.46
CA LEU C 91 35.21 -49.27 -3.02
C LEU C 91 36.24 -49.81 -2.04
N ARG C 92 36.17 -49.36 -0.78
CA ARG C 92 37.15 -49.75 0.23
C ARG C 92 37.04 -51.22 0.60
N ASN C 93 35.89 -51.85 0.34
CA ASN C 93 35.68 -53.25 0.68
C ASN C 93 35.72 -54.16 -0.53
N SER C 94 36.17 -53.66 -1.66
CA SER C 94 36.34 -54.48 -2.84
C SER C 94 37.71 -55.13 -2.84
N ALA D 6 -21.79 11.35 2.86
CA ALA D 6 -22.14 10.00 2.45
C ALA D 6 -20.96 9.31 1.78
N HIS D 7 -20.43 9.94 0.72
CA HIS D 7 -19.22 9.42 0.08
C HIS D 7 -18.12 9.23 1.11
N HIS D 8 -18.02 10.16 2.06
CA HIS D 8 -16.96 10.06 3.08
C HIS D 8 -17.20 8.90 4.04
N ASN D 9 -18.44 8.68 4.47
CA ASN D 9 -18.70 7.55 5.36
C ASN D 9 -18.45 6.22 4.66
N ALA D 10 -18.80 6.14 3.36
CA ALA D 10 -18.53 4.91 2.62
C ALA D 10 -17.03 4.63 2.51
N LEU D 11 -16.25 5.68 2.25
CA LEU D 11 -14.79 5.53 2.25
C LEU D 11 -14.32 5.00 3.60
N GLU D 12 -14.85 5.52 4.70
CA GLU D 12 -14.42 5.12 6.03
C GLU D 12 -14.79 3.66 6.32
N ARG D 13 -16.00 3.26 5.93
CA ARG D 13 -16.43 1.89 6.13
C ARG D 13 -15.53 0.92 5.37
N LYS D 14 -15.25 1.23 4.11
CA LYS D 14 -14.37 0.37 3.32
C LYS D 14 -13.00 0.29 3.97
N ARG D 15 -12.50 1.40 4.50
CA ARG D 15 -11.19 1.41 5.13
C ARG D 15 -11.17 0.46 6.33
N ARG D 16 -12.20 0.55 7.18
CA ARG D 16 -12.26 -0.33 8.34
C ARG D 16 -12.37 -1.79 7.92
N ASP D 17 -13.20 -2.05 6.91
CA ASP D 17 -13.40 -3.43 6.45
C ASP D 17 -12.13 -4.01 5.88
N HIS D 18 -11.36 -3.21 5.12
CA HIS D 18 -10.13 -3.74 4.57
C HIS D 18 -9.12 -4.08 5.64
N ILE D 19 -9.08 -3.30 6.73
CA ILE D 19 -8.21 -3.63 7.86
C ILE D 19 -8.66 -4.93 8.53
N LYS D 20 -9.97 -5.08 8.76
CA LYS D 20 -10.51 -6.32 9.31
C LYS D 20 -10.11 -7.52 8.46
N ASP D 21 -10.33 -7.42 7.14
CA ASP D 21 -9.98 -8.54 6.25
C ASP D 21 -8.50 -8.86 6.37
N SER D 22 -7.67 -7.82 6.47
CA SER D 22 -6.24 -8.05 6.50
C SER D 22 -5.77 -8.64 7.82
N PHE D 23 -6.40 -8.26 8.93
CA PHE D 23 -6.12 -8.94 10.20
C PHE D 23 -6.47 -10.42 10.12
N HIS D 24 -7.63 -10.74 9.52
CA HIS D 24 -8.01 -12.14 9.39
C HIS D 24 -7.00 -12.92 8.57
N SER D 25 -6.58 -12.36 7.43
CA SER D 25 -5.61 -13.02 6.58
C SER D 25 -4.29 -13.24 7.30
N LEU D 26 -3.84 -12.24 8.06
CA LEU D 26 -2.59 -12.39 8.80
C LEU D 26 -2.73 -13.46 9.88
N ARG D 27 -3.80 -13.38 10.67
CA ARG D 27 -4.01 -14.38 11.72
C ARG D 27 -4.02 -15.78 11.14
N ASP D 28 -4.67 -15.96 9.99
CA ASP D 28 -4.77 -17.28 9.38
C ASP D 28 -3.45 -17.78 8.82
N SER D 29 -2.45 -16.89 8.71
N SER D 29 -2.44 -16.91 8.72
CA SER D 29 -1.11 -17.22 8.22
CA SER D 29 -1.13 -17.32 8.21
C SER D 29 -0.15 -17.64 9.32
C SER D 29 -0.12 -17.60 9.33
N VAL D 30 -0.49 -17.41 10.58
CA VAL D 30 0.42 -17.62 11.71
C VAL D 30 0.08 -18.95 12.36
N PRO D 31 0.98 -19.94 12.36
CA PRO D 31 0.65 -21.26 12.93
C PRO D 31 0.14 -21.20 14.36
N SER D 32 0.77 -20.39 15.21
CA SER D 32 0.37 -20.31 16.61
C SER D 32 -1.03 -19.73 16.82
N LEU D 33 -1.62 -19.10 15.81
CA LEU D 33 -2.96 -18.53 15.93
C LEU D 33 -3.99 -19.26 15.07
N GLN D 34 -3.56 -20.09 14.12
CA GLN D 34 -4.45 -20.80 13.23
C GLN D 34 -5.48 -21.58 14.05
N GLY D 35 -6.71 -21.07 14.09
CA GLY D 35 -7.79 -21.71 14.82
C GLY D 35 -8.07 -21.14 16.19
N GLU D 36 -7.39 -20.08 16.61
CA GLU D 36 -7.51 -19.54 17.95
C GLU D 36 -8.25 -18.21 17.94
N LYS D 37 -8.70 -17.80 19.13
CA LYS D 37 -9.28 -16.47 19.31
C LYS D 37 -8.15 -15.51 19.69
N ALA D 38 -8.10 -14.38 19.00
CA ALA D 38 -6.95 -13.50 19.12
C ALA D 38 -7.38 -12.06 18.92
N SER D 39 -6.98 -11.19 19.84
CA SER D 39 -7.18 -9.77 19.69
C SER D 39 -6.23 -9.22 18.63
N ARG D 40 -6.45 -7.97 18.23
CA ARG D 40 -5.55 -7.37 17.24
C ARG D 40 -4.12 -7.34 17.75
N ALA D 41 -3.92 -6.98 19.01
CA ALA D 41 -2.58 -6.95 19.56
C ALA D 41 -1.95 -8.33 19.56
N GLN D 42 -2.74 -9.37 19.87
CA GLN D 42 -2.20 -10.71 19.86
C GLN D 42 -1.81 -11.15 18.46
N ILE D 43 -2.62 -10.81 17.46
CA ILE D 43 -2.29 -11.18 16.08
C ILE D 43 -0.98 -10.52 15.67
N LEU D 44 -0.85 -9.21 15.94
CA LEU D 44 0.37 -8.52 15.58
C LEU D 44 1.57 -9.13 16.28
N ASP D 45 1.46 -9.34 17.59
CA ASP D 45 2.62 -9.79 18.36
C ASP D 45 3.01 -11.21 17.96
N LYS D 46 2.03 -12.08 17.75
CA LYS D 46 2.38 -13.43 17.32
C LYS D 46 2.93 -13.46 15.90
N ALA D 47 2.46 -12.58 15.02
CA ALA D 47 3.04 -12.53 13.67
C ALA D 47 4.48 -12.06 13.72
N THR D 48 4.77 -11.07 14.56
CA THR D 48 6.12 -10.56 14.70
C THR D 48 7.06 -11.66 15.15
N GLU D 49 6.63 -12.41 16.18
CA GLU D 49 7.45 -13.49 16.70
C GLU D 49 7.67 -14.57 15.65
N TYR D 50 6.63 -14.89 14.88
CA TYR D 50 6.72 -15.93 13.86
C TYR D 50 7.68 -15.52 12.74
N ILE D 51 7.56 -14.30 12.24
CA ILE D 51 8.46 -13.86 11.18
C ILE D 51 9.90 -13.86 11.65
N GLN D 52 10.14 -13.33 12.86
CA GLN D 52 11.49 -13.32 13.42
C GLN D 52 12.05 -14.74 13.51
N TYR D 53 11.22 -15.66 13.99
CA TYR D 53 11.62 -17.06 14.09
C TYR D 53 11.94 -17.64 12.72
N MET D 54 11.06 -17.42 11.75
CA MET D 54 11.25 -18.02 10.43
C MET D 54 12.48 -17.48 9.71
N ARG D 55 12.75 -16.18 9.85
CA ARG D 55 13.95 -15.62 9.24
C ARG D 55 15.21 -16.29 9.81
N ARG D 56 15.25 -16.47 11.13
CA ARG D 56 16.40 -17.14 11.74
C ARG D 56 16.43 -18.62 11.36
N LYS D 57 15.25 -19.27 11.28
CA LYS D 57 15.22 -20.69 10.93
C LYS D 57 15.77 -20.92 9.54
N ASN D 58 15.48 -20.05 8.59
CA ASN D 58 16.04 -20.22 7.25
C ASN D 58 17.55 -20.06 7.25
N HIS D 59 18.09 -19.22 8.14
CA HIS D 59 19.53 -19.16 8.32
C HIS D 59 20.08 -20.48 8.86
N THR D 60 19.38 -21.08 9.82
CA THR D 60 19.80 -22.39 10.33
C THR D 60 19.81 -23.41 9.20
N HIS D 61 18.76 -23.41 8.36
CA HIS D 61 18.73 -24.34 7.25
C HIS D 61 19.91 -24.12 6.32
N GLN D 62 20.24 -22.86 6.02
CA GLN D 62 21.33 -22.59 5.11
C GLN D 62 22.67 -23.05 5.69
N GLN D 63 22.83 -22.91 7.00
CA GLN D 63 24.04 -23.43 7.65
C GLN D 63 24.14 -24.94 7.46
N ASP D 64 23.02 -25.66 7.61
CA ASP D 64 23.06 -27.11 7.40
C ASP D 64 23.36 -27.46 5.95
N ILE D 65 22.83 -26.69 5.01
CA ILE D 65 23.10 -26.91 3.59
C ILE D 65 24.57 -26.71 3.28
N ASP D 66 25.17 -25.65 3.83
CA ASP D 66 26.59 -25.39 3.62
C ASP D 66 27.45 -26.49 4.22
N ASP D 67 27.03 -27.00 5.38
N ASP D 67 27.03 -27.00 5.38
CA ASP D 67 27.73 -28.14 5.99
CA ASP D 67 27.74 -28.13 5.98
C ASP D 67 27.70 -29.34 5.06
C ASP D 67 27.70 -29.35 5.07
N LEU D 68 26.53 -29.63 4.49
CA LEU D 68 26.40 -30.84 3.68
C LEU D 68 27.15 -30.71 2.35
N LYS D 69 27.11 -29.53 1.73
CA LYS D 69 27.85 -29.34 0.49
C LYS D 69 29.34 -29.55 0.72
N ARG D 70 29.83 -29.15 1.90
CA ARG D 70 31.21 -29.39 2.27
C ARG D 70 31.46 -30.86 2.56
N GLN D 71 30.44 -31.59 3.04
CA GLN D 71 30.64 -33.04 3.28
C GLN D 71 30.63 -33.84 1.99
N ASN D 72 29.86 -33.41 1.00
CA ASN D 72 29.76 -34.19 -0.23
C ASN D 72 30.97 -33.99 -1.13
N ALA D 73 31.50 -32.77 -1.19
CA ALA D 73 32.70 -32.53 -2.00
C ALA D 73 33.87 -33.37 -1.46
N LEU D 74 34.00 -33.45 -0.13
CA LEU D 74 35.04 -34.27 0.47
C LEU D 74 34.87 -35.73 0.11
N LEU D 75 33.62 -36.23 0.17
CA LEU D 75 33.40 -37.63 -0.19
C LEU D 75 33.71 -37.86 -1.67
N GLU D 76 33.42 -36.89 -2.52
CA GLU D 76 33.77 -37.03 -3.94
C GLU D 76 35.28 -37.08 -4.11
N GLN D 77 36.01 -36.29 -3.32
CA GLN D 77 37.47 -36.32 -3.40
C GLN D 77 38.04 -37.63 -2.90
N GLN D 78 37.36 -38.28 -1.94
CA GLN D 78 37.83 -39.58 -1.46
C GLN D 78 37.50 -40.70 -2.42
N VAL D 79 36.39 -40.58 -3.16
CA VAL D 79 36.11 -41.54 -4.23
C VAL D 79 37.14 -41.39 -5.34
N ARG D 80 37.51 -40.16 -5.67
CA ARG D 80 38.46 -39.91 -6.75
C ARG D 80 39.84 -40.48 -6.42
N ALA D 81 40.29 -40.31 -5.18
CA ALA D 81 41.61 -40.78 -4.76
C ALA D 81 41.61 -42.31 -4.61
CL CL E . -7.78 -4.28 -12.54
CL CL F . -6.48 -1.42 14.05
#